data_7L5P
#
_entry.id   7L5P
#
_cell.length_a   43.810
_cell.length_b   76.684
_cell.length_c   88.321
_cell.angle_alpha   90.000
_cell.angle_beta   96.460
_cell.angle_gamma   90.000
#
_symmetry.space_group_name_H-M   'P 1 21 1'
#
loop_
_entity.id
_entity.type
_entity.pdbx_description
1 polymer 'Tyrosine-protein kinase BTK'
2 non-polymer (2E)-2-{(3R)-3-[4-amino-3-(2-fluoro-4-phenoxyphenyl)-1H-pyrazolo[3,4-d]pyrimidin-1-yl]piperidine-1-carbonyl}-4-methyl-4-[4-(oxetan-3-yl)piperazin-1-yl]pent-2-enenitrile
3 non-polymer 'SULFATE ION'
4 non-polymer 1,2-ETHANEDIOL
5 water water
#
_entity_poly.entity_id   1
_entity_poly.type   'polypeptide(L)'
_entity_poly.pdbx_seq_one_letter_code
;GLGYGSWEIDPKDLTFLKELGTGQFGVVKYGKWRGQYDVAIKMIKEGSMSEDEFIEEAKVMMNLSHEKLVQLYGVCTKQR
PIFIITEYMANGCLLNYLREMRHRFQTQQLLEMCKDVCEAMEYLESKQFLHRDLAARNCLVNDQGVVKVSDFGLSRYVLD
DEYTSSVGSKFPVRWSPPEVLMYSKFSSKSDIWAFGVLMWEIYSLGKMPYERFTNSETAEHIAQGLRLYRPHLASEKVYT
IMYSCWHEKADERPTFKILLSNILDVMDEES
;
_entity_poly.pdbx_strand_id   A,B
#
loop_
_chem_comp.id
_chem_comp.type
_chem_comp.name
_chem_comp.formula
EDO non-polymer 1,2-ETHANEDIOL 'C2 H6 O2'
R1L non-polymer (2E)-2-{(3R)-3-[4-amino-3-(2-fluoro-4-phenoxyphenyl)-1H-pyrazolo[3,4-d]pyrimidin-1-yl]piperidine-1-carbonyl}-4-methyl-4-[4-(oxetan-3-yl)piperazin-1-yl]pent-2-enenitrile 'C36 H40 F N9 O3'
SO4 non-polymer 'SULFATE ION' 'O4 S -2'
#
# COMPACT_ATOMS: atom_id res chain seq x y z
N TYR A 4 21.79 15.10 -35.41
CA TYR A 4 23.02 14.91 -34.56
C TYR A 4 23.54 13.49 -34.75
N GLY A 5 22.65 12.56 -34.46
CA GLY A 5 22.75 11.15 -34.78
C GLY A 5 21.32 10.78 -35.15
N SER A 6 21.14 9.66 -35.84
CA SER A 6 19.83 9.27 -36.39
C SER A 6 18.71 9.10 -35.34
N TRP A 7 19.09 8.66 -34.14
CA TRP A 7 18.13 8.48 -33.04
C TRP A 7 18.11 9.64 -32.05
N GLU A 8 19.05 10.57 -32.18
CA GLU A 8 19.14 11.71 -31.26
C GLU A 8 17.89 12.60 -31.33
N ILE A 9 17.40 12.98 -30.15
CA ILE A 9 16.30 13.94 -30.01
C ILE A 9 16.88 15.23 -29.46
N ASP A 10 16.39 16.35 -29.98
CA ASP A 10 16.73 17.67 -29.48
C ASP A 10 15.99 17.91 -28.16
N PRO A 11 16.72 18.11 -27.03
CA PRO A 11 16.02 18.37 -25.74
C PRO A 11 14.99 19.51 -25.78
N LYS A 12 15.23 20.53 -26.61
CA LYS A 12 14.28 21.63 -26.83
C LYS A 12 12.91 21.20 -27.39
N ASP A 13 12.86 20.08 -28.11
CA ASP A 13 11.60 19.47 -28.56
C ASP A 13 10.81 18.77 -27.45
N LEU A 14 11.42 18.56 -26.29
CA LEU A 14 10.79 17.92 -25.13
C LEU A 14 10.29 18.95 -24.12
N THR A 15 9.24 18.58 -23.37
CA THR A 15 8.67 19.41 -22.31
C THR A 15 8.19 18.52 -21.15
N PHE A 16 8.85 18.64 -19.99
CA PHE A 16 8.49 17.84 -18.81
C PHE A 16 7.24 18.37 -18.11
N LEU A 17 6.25 17.50 -17.95
CA LEU A 17 4.94 17.86 -17.40
C LEU A 17 4.67 17.21 -16.04
N LYS A 18 4.70 15.88 -15.99
CA LYS A 18 4.37 15.11 -14.77
C LYS A 18 5.49 14.17 -14.32
N GLU A 19 5.50 13.87 -13.03
CA GLU A 19 6.40 12.89 -12.43
C GLU A 19 5.75 11.52 -12.56
N LEU A 20 6.49 10.54 -13.09
CA LEU A 20 6.03 9.15 -13.13
C LEU A 20 6.70 8.25 -12.08
N GLY A 21 7.63 8.81 -11.32
CA GLY A 21 8.35 8.09 -10.26
C GLY A 21 9.72 7.67 -10.70
N THR A 22 10.45 7.05 -9.75
CA THR A 22 11.79 6.53 -10.01
C THR A 22 11.63 5.13 -10.61
N GLY A 23 12.27 4.90 -11.75
CA GLY A 23 12.31 3.59 -12.38
C GLY A 23 13.67 2.93 -12.15
N GLN A 24 13.84 1.73 -12.70
CA GLN A 24 15.13 1.04 -12.64
C GLN A 24 16.17 1.84 -13.44
N PHE A 25 17.27 2.17 -12.79
CA PHE A 25 18.39 2.92 -13.40
C PHE A 25 18.13 4.41 -13.72
N GLY A 26 17.02 4.98 -13.24
CA GLY A 26 16.76 6.41 -13.49
C GLY A 26 15.38 6.95 -13.13
N VAL A 27 15.30 8.28 -13.02
CA VAL A 27 14.06 9.03 -12.79
C VAL A 27 13.27 9.05 -14.09
N VAL A 28 11.94 8.97 -14.00
CA VAL A 28 11.07 8.92 -15.17
C VAL A 28 10.02 10.03 -15.10
N LYS A 29 9.86 10.75 -16.21
CA LYS A 29 8.91 11.86 -16.32
C LYS A 29 8.04 11.70 -17.56
N TYR A 30 6.78 12.11 -17.42
CA TYR A 30 5.85 12.18 -18.55
C TYR A 30 5.96 13.56 -19.18
N GLY A 31 5.89 13.59 -20.51
CA GLY A 31 5.98 14.84 -21.26
C GLY A 31 5.47 14.74 -22.69
N LYS A 32 5.71 15.80 -23.44
CA LYS A 32 5.36 15.89 -24.86
C LYS A 32 6.62 16.05 -25.69
N TRP A 33 6.67 15.35 -26.82
CA TRP A 33 7.76 15.49 -27.80
C TRP A 33 7.24 16.22 -29.03
N ARG A 34 7.90 17.34 -29.36
CA ARG A 34 7.46 18.30 -30.38
C ARG A 34 6.02 18.82 -30.16
N GLY A 35 5.63 18.94 -28.89
CA GLY A 35 4.30 19.38 -28.47
C GLY A 35 3.10 18.59 -29.01
N GLN A 36 3.35 17.37 -29.49
CA GLN A 36 2.35 16.59 -30.23
C GLN A 36 2.17 15.18 -29.63
N TYR A 37 3.29 14.46 -29.48
CA TYR A 37 3.28 13.06 -29.03
C TYR A 37 3.49 12.91 -27.54
N ASP A 38 2.66 12.07 -26.91
CA ASP A 38 2.86 11.65 -25.52
C ASP A 38 4.09 10.77 -25.43
N VAL A 39 5.01 11.12 -24.53
CA VAL A 39 6.24 10.36 -24.33
C VAL A 39 6.53 10.19 -22.84
N ALA A 40 7.35 9.20 -22.54
CA ALA A 40 7.94 9.02 -21.22
C ALA A 40 9.45 9.13 -21.37
N ILE A 41 10.09 9.88 -20.48
CA ILE A 41 11.53 10.15 -20.54
C ILE A 41 12.20 9.61 -19.29
N LYS A 42 13.11 8.65 -19.48
CA LYS A 42 13.94 8.12 -18.39
C LYS A 42 15.29 8.81 -18.48
N MET A 43 15.70 9.41 -17.36
CA MET A 43 16.97 10.12 -17.28
C MET A 43 17.98 9.20 -16.62
N ILE A 44 18.98 8.75 -17.38
CA ILE A 44 19.99 7.82 -16.88
C ILE A 44 20.93 8.52 -15.93
N LYS A 45 20.74 8.19 -14.65
CA LYS A 45 21.48 8.75 -13.52
C LYS A 45 22.96 8.86 -13.83
N GLU A 46 23.51 10.06 -13.65
CA GLU A 46 24.88 10.37 -14.06
C GLU A 46 25.90 9.54 -13.28
N GLY A 47 26.82 8.92 -14.01
CA GLY A 47 27.85 8.05 -13.41
C GLY A 47 27.43 6.63 -13.05
N SER A 48 26.14 6.30 -13.20
CA SER A 48 25.63 4.95 -12.92
C SER A 48 26.04 3.95 -14.01
N MET A 49 26.29 4.46 -15.21
CA MET A 49 26.62 3.62 -16.36
C MET A 49 27.97 3.97 -16.94
N SER A 50 28.50 3.01 -17.68
CA SER A 50 29.74 3.14 -18.41
C SER A 50 29.35 3.78 -19.75
N GLU A 51 29.33 5.11 -19.75
CA GLU A 51 28.75 5.92 -20.84
C GLU A 51 29.24 5.58 -22.26
N ASP A 52 30.55 5.38 -22.42
CA ASP A 52 31.15 5.05 -23.73
C ASP A 52 30.54 3.80 -24.35
N GLU A 53 30.54 2.71 -23.57
CA GLU A 53 29.95 1.42 -23.98
C GLU A 53 28.43 1.51 -24.08
N PHE A 54 27.82 2.20 -23.11
CA PHE A 54 26.38 2.39 -23.04
C PHE A 54 25.79 3.13 -24.24
N ILE A 55 26.48 4.17 -24.71
CA ILE A 55 26.02 4.94 -25.88
C ILE A 55 26.09 4.10 -27.17
N GLU A 56 27.15 3.31 -27.32
CA GLU A 56 27.29 2.41 -28.49
C GLU A 56 26.25 1.30 -28.53
N GLU A 57 26.01 0.67 -27.39
CA GLU A 57 25.00 -0.40 -27.28
C GLU A 57 23.56 0.11 -27.45
N ALA A 58 23.32 1.36 -27.07
CA ALA A 58 22.03 2.00 -27.26
C ALA A 58 21.65 2.10 -28.74
N LYS A 59 22.62 2.35 -29.61
CA LYS A 59 22.39 2.40 -31.07
C LYS A 59 21.79 1.11 -31.65
N VAL A 60 22.29 -0.03 -31.18
CA VAL A 60 21.75 -1.35 -31.55
C VAL A 60 20.36 -1.52 -30.92
N MET A 61 20.24 -1.11 -29.65
CA MET A 61 18.97 -1.14 -28.92
C MET A 61 17.88 -0.34 -29.62
N MET A 62 18.23 0.85 -30.11
CA MET A 62 17.28 1.72 -30.81
C MET A 62 16.78 1.12 -32.13
N ASN A 63 17.65 0.39 -32.83
CA ASN A 63 17.28 -0.26 -34.10
C ASN A 63 16.29 -1.43 -33.95
N LEU A 64 16.17 -1.99 -32.76
CA LEU A 64 15.18 -3.04 -32.48
C LEU A 64 13.77 -2.49 -32.64
N SER A 65 12.95 -3.21 -33.41
CA SER A 65 11.60 -2.80 -33.76
C SER A 65 10.62 -3.96 -33.63
N HIS A 66 9.68 -3.84 -32.69
CA HIS A 66 8.64 -4.85 -32.50
C HIS A 66 7.44 -4.26 -31.75
N GLU A 67 6.25 -4.78 -32.04
CA GLU A 67 4.98 -4.31 -31.46
C GLU A 67 4.91 -4.52 -29.94
N LYS A 68 5.44 -5.64 -29.48
CA LYS A 68 5.52 -5.99 -28.04
C LYS A 68 6.82 -5.60 -27.30
N LEU A 69 7.67 -4.81 -27.97
CA LEU A 69 8.78 -4.11 -27.32
C LEU A 69 8.36 -2.66 -27.14
N VAL A 70 8.65 -2.08 -25.97
CA VAL A 70 8.31 -0.66 -25.74
C VAL A 70 9.01 0.18 -26.81
N GLN A 71 8.22 1.00 -27.49
CA GLN A 71 8.72 1.81 -28.61
C GLN A 71 9.68 2.90 -28.15
N LEU A 72 10.92 2.81 -28.64
CA LEU A 72 11.97 3.78 -28.37
C LEU A 72 11.95 4.87 -29.45
N TYR A 73 11.54 6.08 -29.05
CA TYR A 73 11.48 7.23 -29.96
C TYR A 73 12.86 7.82 -30.24
N GLY A 74 13.64 8.03 -29.19
CA GLY A 74 14.98 8.57 -29.35
C GLY A 74 15.76 8.68 -28.06
N VAL A 75 16.96 9.26 -28.21
CA VAL A 75 17.91 9.43 -27.11
C VAL A 75 18.42 10.86 -27.06
N CYS A 76 18.91 11.27 -25.89
CA CYS A 76 19.60 12.56 -25.72
C CYS A 76 20.95 12.26 -25.07
N THR A 77 21.96 12.06 -25.92
CA THR A 77 23.30 11.62 -25.49
C THR A 77 24.36 12.75 -25.46
N LYS A 78 24.02 13.94 -25.95
CA LYS A 78 24.93 15.09 -25.99
C LYS A 78 25.03 15.84 -24.65
N GLN A 79 24.14 15.54 -23.69
CA GLN A 79 24.16 16.17 -22.37
C GLN A 79 24.01 15.14 -21.24
N ARG A 80 23.99 15.63 -20.01
CA ARG A 80 23.77 14.79 -18.81
C ARG A 80 22.68 15.34 -17.88
N PRO A 81 21.82 14.47 -17.32
CA PRO A 81 21.81 13.02 -17.57
C PRO A 81 21.31 12.66 -18.97
N ILE A 82 21.76 11.50 -19.46
CA ILE A 82 21.31 10.99 -20.76
C ILE A 82 19.81 10.70 -20.68
N PHE A 83 19.07 11.11 -21.70
CA PHE A 83 17.63 10.78 -21.76
C PHE A 83 17.42 9.59 -22.68
N ILE A 84 16.46 8.76 -22.29
CA ILE A 84 15.95 7.70 -23.14
C ILE A 84 14.46 7.97 -23.26
N ILE A 85 14.02 8.30 -24.47
CA ILE A 85 12.65 8.72 -24.74
C ILE A 85 11.91 7.53 -25.33
N THR A 86 10.73 7.24 -24.77
CA THR A 86 9.89 6.12 -25.20
C THR A 86 8.45 6.55 -25.26
N GLU A 87 7.62 5.66 -25.82
CA GLU A 87 6.17 5.82 -25.77
C GLU A 87 5.69 5.74 -24.32
N TYR A 88 4.65 6.51 -24.01
CA TYR A 88 4.03 6.49 -22.70
C TYR A 88 3.10 5.28 -22.60
N MET A 89 3.32 4.45 -21.59
CA MET A 89 2.51 3.26 -21.33
C MET A 89 1.58 3.56 -20.14
N ALA A 90 0.34 3.93 -20.46
CA ALA A 90 -0.61 4.48 -19.48
C ALA A 90 -0.94 3.62 -18.26
N ASN A 91 -0.87 2.29 -18.42
CA ASN A 91 -1.12 1.35 -17.30
C ASN A 91 0.12 0.96 -16.47
N GLY A 92 1.26 1.57 -16.77
CA GLY A 92 2.46 1.43 -15.94
C GLY A 92 3.08 0.04 -15.98
N CYS A 93 3.78 -0.30 -14.91
CA CYS A 93 4.48 -1.59 -14.81
C CYS A 93 3.51 -2.75 -14.55
N LEU A 94 3.80 -3.89 -15.17
CA LEU A 94 2.96 -5.09 -15.09
C LEU A 94 2.75 -5.60 -13.67
N LEU A 95 3.79 -5.52 -12.84
CA LEU A 95 3.73 -5.97 -11.45
C LEU A 95 2.59 -5.31 -10.68
N ASN A 96 2.52 -3.99 -10.81
CA ASN A 96 1.45 -3.18 -10.22
C ASN A 96 0.07 -3.48 -10.84
N TYR A 97 0.06 -3.61 -12.15
CA TYR A 97 -1.15 -3.97 -12.91
C TYR A 97 -1.72 -5.32 -12.46
N LEU A 98 -0.84 -6.26 -12.17
CA LEU A 98 -1.24 -7.58 -11.64
C LEU A 98 -1.73 -7.51 -10.19
N ARG A 99 -1.01 -6.77 -9.34
CA ARG A 99 -1.32 -6.71 -7.90
C ARG A 99 -2.61 -5.95 -7.55
N GLU A 100 -2.94 -4.94 -8.35
CA GLU A 100 -4.16 -4.14 -8.19
C GLU A 100 -5.42 -5.01 -8.06
N MET A 101 -6.04 -5.02 -6.88
CA MET A 101 -7.18 -5.92 -6.63
C MET A 101 -8.52 -5.49 -7.27
N ARG A 102 -8.62 -4.25 -7.73
CA ARG A 102 -9.77 -3.83 -8.56
C ARG A 102 -9.78 -4.54 -9.92
N HIS A 103 -8.61 -4.93 -10.40
CA HIS A 103 -8.48 -5.79 -11.56
C HIS A 103 -8.77 -7.23 -11.11
N ARG A 104 -9.83 -7.81 -11.65
CA ARG A 104 -10.18 -9.21 -11.39
C ARG A 104 -10.01 -9.99 -12.68
N PHE A 105 -8.80 -10.53 -12.86
CA PHE A 105 -8.42 -11.14 -14.12
C PHE A 105 -9.04 -12.52 -14.33
N GLN A 106 -9.25 -12.84 -15.60
CA GLN A 106 -9.52 -14.19 -16.07
C GLN A 106 -8.20 -14.79 -16.56
N THR A 107 -8.09 -16.11 -16.54
CA THR A 107 -6.86 -16.79 -16.97
C THR A 107 -6.54 -16.55 -18.45
N GLN A 108 -7.58 -16.39 -19.27
CA GLN A 108 -7.46 -15.95 -20.68
C GLN A 108 -6.61 -14.68 -20.83
N GLN A 109 -6.86 -13.71 -19.95
CA GLN A 109 -6.10 -12.46 -19.93
C GLN A 109 -4.67 -12.68 -19.44
N LEU A 110 -4.50 -13.55 -18.46
CA LEU A 110 -3.16 -13.89 -17.95
C LEU A 110 -2.31 -14.60 -19.01
N LEU A 111 -2.92 -15.51 -19.78
CA LEU A 111 -2.23 -16.19 -20.89
C LEU A 111 -1.89 -15.25 -22.05
N GLU A 112 -2.76 -14.27 -22.29
CA GLU A 112 -2.50 -13.22 -23.31
C GLU A 112 -1.28 -12.37 -22.94
N MET A 113 -1.11 -12.07 -21.66
CA MET A 113 0.08 -11.38 -21.15
C MET A 113 1.37 -12.17 -21.41
N CYS A 114 1.30 -13.49 -21.22
CA CYS A 114 2.43 -14.37 -21.49
C CYS A 114 2.78 -14.40 -22.99
N LYS A 115 1.75 -14.48 -23.84
CA LYS A 115 1.94 -14.45 -25.30
C LYS A 115 2.63 -13.17 -25.76
N ASP A 116 2.11 -12.04 -25.30
CA ASP A 116 2.67 -10.71 -25.60
C ASP A 116 4.18 -10.64 -25.35
N VAL A 117 4.58 -11.04 -24.15
CA VAL A 117 5.99 -11.04 -23.76
C VAL A 117 6.79 -12.08 -24.55
N CYS A 118 6.21 -13.27 -24.75
CA CYS A 118 6.87 -14.33 -25.50
C CYS A 118 7.16 -13.95 -26.96
N GLU A 119 6.26 -13.17 -27.55
CA GLU A 119 6.47 -12.59 -28.89
C GLU A 119 7.64 -11.61 -28.91
N ALA A 120 7.66 -10.71 -27.91
CA ALA A 120 8.76 -9.76 -27.75
C ALA A 120 10.12 -10.45 -27.54
N MET A 121 10.10 -11.48 -26.70
CA MET A 121 11.30 -12.25 -26.37
C MET A 121 11.76 -13.16 -27.53
N GLU A 122 10.81 -13.68 -28.30
CA GLU A 122 11.14 -14.40 -29.56
C GLU A 122 11.88 -13.49 -30.54
N TYR A 123 11.42 -12.24 -30.63
CA TYR A 123 12.06 -11.24 -31.48
C TYR A 123 13.47 -10.89 -30.99
N LEU A 124 13.62 -10.64 -29.70
CA LEU A 124 14.94 -10.37 -29.10
C LEU A 124 15.92 -11.53 -29.29
N GLU A 125 15.40 -12.75 -29.18
CA GLU A 125 16.17 -13.98 -29.44
C GLU A 125 16.65 -14.07 -30.88
N SER A 126 15.76 -13.75 -31.83
CA SER A 126 16.09 -13.71 -33.26
C SER A 126 17.20 -12.69 -33.61
N LYS A 127 17.27 -11.61 -32.82
CA LYS A 127 18.33 -10.60 -32.94
C LYS A 127 19.55 -10.84 -32.05
N GLN A 128 19.60 -11.99 -31.38
CA GLN A 128 20.65 -12.34 -30.40
C GLN A 128 20.91 -11.22 -29.36
N PHE A 129 19.83 -10.56 -28.94
CA PHE A 129 19.90 -9.48 -27.98
C PHE A 129 19.30 -10.01 -26.68
N LEU A 130 20.12 -10.05 -25.63
CA LEU A 130 19.67 -10.56 -24.33
C LEU A 130 19.08 -9.43 -23.47
N HIS A 131 17.93 -9.72 -22.85
CA HIS A 131 17.31 -8.80 -21.88
C HIS A 131 18.15 -8.69 -20.61
N ARG A 132 18.49 -9.83 -20.01
N ARG A 132 18.47 -9.84 -20.02
CA ARG A 132 19.33 -9.94 -18.79
CA ARG A 132 19.33 -9.96 -18.80
C ARG A 132 18.66 -9.63 -17.44
C ARG A 132 18.66 -9.61 -17.45
N ASP A 133 17.40 -9.20 -17.46
CA ASP A 133 16.67 -8.81 -16.23
C ASP A 133 15.15 -8.78 -16.50
N LEU A 134 14.65 -9.83 -17.14
CA LEU A 134 13.22 -9.92 -17.46
C LEU A 134 12.44 -10.21 -16.19
N ALA A 135 11.48 -9.34 -15.90
CA ALA A 135 10.58 -9.52 -14.78
C ALA A 135 9.33 -8.68 -14.95
N ALA A 136 8.33 -8.96 -14.12
CA ALA A 136 7.06 -8.21 -14.14
C ALA A 136 7.22 -6.72 -13.79
N ARG A 137 8.21 -6.39 -12.96
N ARG A 137 8.21 -6.40 -12.96
CA ARG A 137 8.51 -5.00 -12.62
CA ARG A 137 8.46 -5.03 -12.52
C ARG A 137 9.04 -4.23 -13.82
C ARG A 137 8.91 -4.10 -13.65
N ASN A 138 9.73 -4.93 -14.72
N ASN A 138 9.55 -4.67 -14.67
CA ASN A 138 10.28 -4.33 -15.95
CA ASN A 138 9.97 -3.85 -15.82
C ASN A 138 9.29 -4.17 -17.10
C ASN A 138 9.29 -4.15 -17.15
N CYS A 139 8.29 -5.05 -17.17
CA CYS A 139 7.32 -5.07 -18.27
C CYS A 139 6.32 -3.94 -18.08
N LEU A 140 5.89 -3.33 -19.19
CA LEU A 140 4.96 -2.21 -19.16
C LEU A 140 3.66 -2.54 -19.87
N VAL A 141 2.58 -1.86 -19.47
CA VAL A 141 1.24 -2.11 -19.97
C VAL A 141 0.66 -0.81 -20.51
N ASN A 142 0.17 -0.82 -21.76
CA ASN A 142 -0.44 0.37 -22.38
C ASN A 142 -1.92 0.50 -22.02
N ASP A 143 -2.56 1.56 -22.51
CA ASP A 143 -3.99 1.81 -22.30
C ASP A 143 -4.92 0.68 -22.78
N GLN A 144 -4.49 -0.10 -23.77
CA GLN A 144 -5.27 -1.23 -24.32
C GLN A 144 -5.08 -2.56 -23.57
N GLY A 145 -4.23 -2.58 -22.54
CA GLY A 145 -3.94 -3.80 -21.79
C GLY A 145 -2.86 -4.69 -22.39
N VAL A 146 -2.22 -4.23 -23.46
CA VAL A 146 -1.16 -4.98 -24.13
C VAL A 146 0.12 -4.81 -23.33
N VAL A 147 0.74 -5.93 -22.97
CA VAL A 147 2.00 -5.94 -22.23
C VAL A 147 3.15 -5.82 -23.23
N LYS A 148 4.16 -5.04 -22.87
CA LYS A 148 5.37 -4.91 -23.67
C LYS A 148 6.61 -4.99 -22.79
N VAL A 149 7.70 -5.49 -23.38
CA VAL A 149 8.97 -5.64 -22.70
C VAL A 149 9.70 -4.29 -22.70
N SER A 150 10.43 -4.02 -21.61
CA SER A 150 11.13 -2.76 -21.41
C SER A 150 12.38 -2.95 -20.53
N ASP A 151 13.21 -1.92 -20.47
CA ASP A 151 14.54 -1.96 -19.82
C ASP A 151 15.46 -3.10 -20.32
N PHE A 152 15.32 -3.46 -21.58
CA PHE A 152 16.03 -4.63 -22.14
C PHE A 152 17.49 -4.25 -22.44
N GLY A 153 18.42 -5.09 -21.98
CA GLY A 153 19.85 -4.87 -22.14
C GLY A 153 20.43 -3.74 -21.28
N LEU A 154 19.63 -3.18 -20.39
CA LEU A 154 19.98 -1.96 -19.67
C LEU A 154 20.88 -2.21 -18.46
N SER A 155 20.86 -3.44 -17.95
CA SER A 155 21.75 -3.88 -16.87
C SER A 155 23.20 -4.16 -17.34
N ARG A 156 23.39 -4.28 -18.66
CA ARG A 156 24.69 -4.61 -19.26
C ARG A 156 25.87 -3.81 -18.71
N TYR A 157 25.68 -2.50 -18.59
CA TYR A 157 26.77 -1.57 -18.22
C TYR A 157 26.50 -0.74 -16.97
N VAL A 158 25.77 -1.30 -16.01
CA VAL A 158 25.58 -0.65 -14.71
C VAL A 158 26.90 -0.80 -13.95
N LEU A 159 27.43 0.33 -13.50
CA LEU A 159 28.75 0.38 -12.88
C LEU A 159 28.81 -0.22 -11.47
N ASP A 160 27.75 -0.03 -10.69
CA ASP A 160 27.68 -0.58 -9.34
C ASP A 160 27.62 -2.10 -9.40
N ASP A 161 28.61 -2.74 -8.79
CA ASP A 161 28.76 -4.21 -8.78
C ASP A 161 27.64 -4.95 -8.03
N GLU A 162 26.93 -4.23 -7.15
CA GLU A 162 25.79 -4.78 -6.41
C GLU A 162 24.59 -5.15 -7.31
N TYR A 163 24.49 -4.52 -8.48
CA TYR A 163 23.47 -4.83 -9.49
C TYR A 163 23.88 -5.93 -10.47
N THR A 164 25.16 -5.94 -10.86
CA THR A 164 25.66 -6.81 -11.95
C THR A 164 26.18 -8.18 -11.49
N SER A 165 26.79 -8.23 -10.31
CA SER A 165 27.35 -9.46 -9.76
C SER A 165 26.25 -10.40 -9.30
N SER A 166 26.34 -11.67 -9.70
CA SER A 166 25.39 -12.72 -9.28
C SER A 166 25.21 -12.82 -7.76
N VAL A 167 26.28 -12.56 -7.00
CA VAL A 167 26.24 -12.50 -5.53
C VAL A 167 25.94 -11.09 -4.95
N GLY A 168 25.53 -10.14 -5.80
CA GLY A 168 25.29 -8.76 -5.40
C GLY A 168 23.98 -8.57 -4.67
N SER A 169 23.90 -7.53 -3.85
CA SER A 169 22.74 -7.26 -2.99
C SER A 169 21.48 -6.81 -3.75
N LYS A 170 21.68 -6.22 -4.94
CA LYS A 170 20.57 -5.74 -5.79
C LYS A 170 20.38 -6.58 -7.06
N PHE A 171 21.03 -7.74 -7.11
CA PHE A 171 20.96 -8.66 -8.25
C PHE A 171 19.60 -9.39 -8.25
N PRO A 172 19.02 -9.66 -9.45
CA PRO A 172 17.73 -10.38 -9.48
C PRO A 172 17.91 -11.91 -9.35
N VAL A 173 18.12 -12.34 -8.11
CA VAL A 173 18.32 -13.76 -7.78
C VAL A 173 17.10 -14.62 -8.11
N ARG A 174 15.92 -14.13 -7.75
CA ARG A 174 14.67 -14.90 -7.90
C ARG A 174 14.23 -15.16 -9.34
N TRP A 175 14.80 -14.42 -10.30
CA TRP A 175 14.54 -14.62 -11.73
C TRP A 175 15.72 -15.29 -12.47
N SER A 176 16.70 -15.83 -11.72
CA SER A 176 17.95 -16.32 -12.31
C SER A 176 18.06 -17.85 -12.23
N PRO A 177 18.68 -18.47 -13.26
CA PRO A 177 18.96 -19.91 -13.21
C PRO A 177 20.24 -20.24 -12.44
N PRO A 178 20.48 -21.54 -12.13
CA PRO A 178 21.69 -21.98 -11.40
C PRO A 178 23.02 -21.55 -12.01
N GLU A 179 23.14 -21.62 -13.34
CA GLU A 179 24.37 -21.23 -14.04
C GLU A 179 24.72 -19.73 -13.94
N VAL A 180 23.72 -18.89 -13.71
CA VAL A 180 23.94 -17.45 -13.48
C VAL A 180 24.36 -17.20 -12.04
N LEU A 181 23.67 -17.83 -11.09
CA LEU A 181 23.94 -17.65 -9.66
C LEU A 181 25.30 -18.20 -9.24
N MET A 182 25.65 -19.37 -9.77
CA MET A 182 26.93 -20.03 -9.47
C MET A 182 28.07 -19.53 -10.37
N TYR A 183 27.82 -19.40 -11.67
CA TYR A 183 28.88 -19.16 -12.66
C TYR A 183 28.79 -17.89 -13.51
N SER A 184 27.85 -16.99 -13.20
CA SER A 184 27.65 -15.73 -13.96
C SER A 184 27.50 -15.91 -15.48
N LYS A 185 26.88 -17.03 -15.86
CA LYS A 185 26.78 -17.45 -17.27
C LYS A 185 25.42 -17.03 -17.85
N PHE A 186 25.40 -15.88 -18.50
CA PHE A 186 24.21 -15.37 -19.18
C PHE A 186 24.15 -15.88 -20.63
N SER A 187 22.95 -16.19 -21.09
CA SER A 187 22.72 -16.61 -22.47
C SER A 187 21.25 -16.38 -22.84
N SER A 188 20.85 -16.87 -24.02
CA SER A 188 19.43 -16.92 -24.40
C SER A 188 18.61 -17.76 -23.40
N LYS A 189 19.25 -18.81 -22.87
CA LYS A 189 18.61 -19.72 -21.92
C LYS A 189 18.43 -19.16 -20.51
N SER A 190 19.20 -18.14 -20.14
CA SER A 190 18.97 -17.41 -18.88
C SER A 190 17.75 -16.50 -19.00
N ASP A 191 17.54 -15.94 -20.20
CA ASP A 191 16.30 -15.22 -20.52
C ASP A 191 15.06 -16.14 -20.50
N ILE A 192 15.24 -17.36 -21.01
CA ILE A 192 14.19 -18.39 -20.98
C ILE A 192 13.77 -18.69 -19.54
N TRP A 193 14.74 -18.91 -18.66
CA TRP A 193 14.48 -19.16 -17.22
C TRP A 193 13.66 -18.02 -16.61
N ALA A 194 14.12 -16.79 -16.82
CA ALA A 194 13.46 -15.60 -16.30
C ALA A 194 12.01 -15.48 -16.78
N PHE A 195 11.78 -15.75 -18.06
CA PHE A 195 10.42 -15.73 -18.64
C PHE A 195 9.51 -16.74 -17.95
N GLY A 196 10.05 -17.91 -17.63
CA GLY A 196 9.35 -18.90 -16.80
C GLY A 196 8.90 -18.33 -15.46
N VAL A 197 9.79 -17.62 -14.78
CA VAL A 197 9.47 -17.00 -13.49
C VAL A 197 8.44 -15.88 -13.68
N LEU A 198 8.55 -15.14 -14.80
CA LEU A 198 7.56 -14.13 -15.15
C LEU A 198 6.17 -14.73 -15.37
N MET A 199 6.10 -15.89 -16.03
CA MET A 199 4.83 -16.61 -16.16
C MET A 199 4.23 -16.93 -14.80
N TRP A 200 5.09 -17.38 -13.87
CA TRP A 200 4.68 -17.63 -12.48
C TRP A 200 4.15 -16.37 -11.79
N GLU A 201 4.89 -15.27 -11.93
CA GLU A 201 4.45 -13.95 -11.44
C GLU A 201 3.06 -13.57 -11.92
N ILE A 202 2.86 -13.70 -13.25
CA ILE A 202 1.58 -13.39 -13.89
C ILE A 202 0.44 -14.26 -13.31
N TYR A 203 0.63 -15.57 -13.35
CA TYR A 203 -0.37 -16.52 -12.83
C TYR A 203 -0.55 -16.50 -11.31
N SER A 204 0.44 -15.98 -10.59
CA SER A 204 0.33 -15.71 -9.14
C SER A 204 -0.22 -14.31 -8.81
N LEU A 205 -0.64 -13.56 -9.83
CA LEU A 205 -1.15 -12.19 -9.70
C LEU A 205 -0.16 -11.25 -8.99
N GLY A 206 1.11 -11.33 -9.40
CA GLY A 206 2.16 -10.43 -8.92
C GLY A 206 2.84 -10.79 -7.61
N LYS A 207 2.62 -12.02 -7.12
CA LYS A 207 3.32 -12.49 -5.92
C LYS A 207 4.83 -12.59 -6.18
N MET A 208 5.62 -12.34 -5.13
CA MET A 208 7.08 -12.41 -5.18
C MET A 208 7.50 -13.88 -5.25
N PRO A 209 8.36 -14.25 -6.23
CA PRO A 209 8.83 -15.64 -6.25
C PRO A 209 9.68 -16.00 -5.03
N TYR A 210 9.42 -17.17 -4.45
CA TYR A 210 10.15 -17.68 -3.28
C TYR A 210 10.06 -16.74 -2.07
N GLU A 211 8.88 -16.16 -1.87
CA GLU A 211 8.69 -15.05 -0.91
C GLU A 211 9.16 -15.37 0.52
N ARG A 212 9.00 -16.63 0.96
CA ARG A 212 9.41 -17.05 2.30
C ARG A 212 10.92 -17.01 2.54
N PHE A 213 11.70 -17.08 1.46
CA PHE A 213 13.16 -17.00 1.54
C PHE A 213 13.67 -15.61 1.21
N THR A 214 14.82 -15.28 1.81
CA THR A 214 15.60 -14.10 1.43
C THR A 214 16.34 -14.38 0.12
N ASN A 215 17.02 -13.37 -0.41
CA ASN A 215 17.76 -13.51 -1.67
C ASN A 215 18.92 -14.51 -1.61
N SER A 216 19.69 -14.48 -0.53
CA SER A 216 20.79 -15.43 -0.33
C SER A 216 20.29 -16.85 -0.07
N GLU A 217 19.20 -16.96 0.69
CA GLU A 217 18.52 -18.24 0.90
C GLU A 217 17.97 -18.82 -0.40
N THR A 218 17.31 -17.97 -1.19
CA THR A 218 16.79 -18.35 -2.52
C THR A 218 17.92 -18.84 -3.43
N ALA A 219 18.98 -18.04 -3.54
CA ALA A 219 20.18 -18.40 -4.32
C ALA A 219 20.70 -19.79 -3.98
N GLU A 220 20.83 -20.07 -2.69
CA GLU A 220 21.20 -21.38 -2.17
C GLU A 220 20.24 -22.46 -2.67
N HIS A 221 18.94 -22.25 -2.50
CA HIS A 221 17.95 -23.27 -2.84
C HIS A 221 17.78 -23.52 -4.36
N ILE A 222 17.94 -22.50 -5.20
CA ILE A 222 17.88 -22.68 -6.66
C ILE A 222 19.00 -23.58 -7.17
N ALA A 223 20.23 -23.25 -6.79
CA ALA A 223 21.42 -24.06 -7.10
C ALA A 223 21.27 -25.53 -6.67
N GLN A 224 20.60 -25.75 -5.54
CA GLN A 224 20.36 -27.08 -4.98
C GLN A 224 19.13 -27.83 -5.52
N GLY A 225 18.38 -27.20 -6.44
CA GLY A 225 17.28 -27.86 -7.16
C GLY A 225 15.85 -27.39 -6.89
N LEU A 226 15.67 -26.32 -6.11
CA LEU A 226 14.33 -25.78 -5.82
C LEU A 226 13.73 -25.15 -7.08
N ARG A 227 12.47 -25.49 -7.36
CA ARG A 227 11.69 -24.89 -8.44
C ARG A 227 10.37 -24.38 -7.90
N LEU A 228 9.82 -23.37 -8.56
CA LEU A 228 8.57 -22.74 -8.13
C LEU A 228 7.39 -23.70 -8.29
N TYR A 229 6.57 -23.78 -7.24
CA TYR A 229 5.34 -24.57 -7.25
C TYR A 229 4.30 -24.01 -8.22
N ARG A 230 3.29 -24.82 -8.49
CA ARG A 230 2.18 -24.47 -9.41
C ARG A 230 1.22 -23.47 -8.74
N PRO A 231 1.06 -22.26 -9.33
CA PRO A 231 0.03 -21.35 -8.81
C PRO A 231 -1.40 -21.89 -8.98
N HIS A 232 -2.29 -21.48 -8.10
CA HIS A 232 -3.69 -21.94 -8.11
C HIS A 232 -4.39 -21.73 -9.46
N LEU A 233 -4.18 -20.57 -10.07
CA LEU A 233 -4.81 -20.24 -11.37
C LEU A 233 -4.19 -20.94 -12.58
N ALA A 234 -2.98 -21.47 -12.43
CA ALA A 234 -2.30 -22.18 -13.51
C ALA A 234 -2.81 -23.61 -13.64
N SER A 235 -3.29 -23.97 -14.83
CA SER A 235 -3.62 -25.36 -15.16
C SER A 235 -2.34 -26.17 -15.34
N GLU A 236 -2.49 -27.48 -15.38
CA GLU A 236 -1.35 -28.40 -15.56
C GLU A 236 -0.56 -28.11 -16.84
N LYS A 237 -1.28 -27.79 -17.92
CA LYS A 237 -0.66 -27.46 -19.20
C LYS A 237 0.11 -26.13 -19.18
N VAL A 238 -0.44 -25.13 -18.50
CA VAL A 238 0.25 -23.84 -18.33
C VAL A 238 1.48 -24.01 -17.43
N TYR A 239 1.33 -24.79 -16.37
CA TYR A 239 2.45 -25.07 -15.46
C TYR A 239 3.59 -25.81 -16.15
N THR A 240 3.25 -26.75 -17.03
CA THR A 240 4.24 -27.46 -17.87
C THR A 240 5.09 -26.50 -18.69
N ILE A 241 4.46 -25.46 -19.25
CA ILE A 241 5.15 -24.48 -20.11
C ILE A 241 6.19 -23.70 -19.28
N MET A 242 5.75 -23.11 -18.18
CA MET A 242 6.66 -22.35 -17.31
C MET A 242 7.72 -23.25 -16.67
N TYR A 243 7.36 -24.49 -16.36
CA TYR A 243 8.29 -25.46 -15.78
C TYR A 243 9.38 -25.92 -16.75
N SER A 244 9.03 -26.04 -18.04
CA SER A 244 9.99 -26.34 -19.10
C SER A 244 11.13 -25.33 -19.22
N CYS A 245 10.85 -24.07 -18.85
CA CYS A 245 11.87 -23.02 -18.79
C CYS A 245 12.94 -23.22 -17.71
N TRP A 246 12.68 -24.07 -16.72
CA TRP A 246 13.58 -24.26 -15.57
C TRP A 246 14.35 -25.59 -15.53
N HIS A 247 14.70 -26.14 -16.69
CA HIS A 247 15.62 -27.30 -16.75
C HIS A 247 16.99 -26.88 -16.19
N GLU A 248 17.60 -27.75 -15.37
CA GLU A 248 18.91 -27.48 -14.79
C GLU A 248 19.97 -27.30 -15.89
N LYS A 249 19.96 -28.22 -16.85
CA LYS A 249 20.75 -28.09 -18.08
C LYS A 249 20.15 -27.03 -18.99
N ALA A 250 20.92 -25.99 -19.29
CA ALA A 250 20.45 -24.85 -20.09
C ALA A 250 20.04 -25.24 -21.51
N ASP A 251 20.82 -26.10 -22.14
CA ASP A 251 20.56 -26.57 -23.52
C ASP A 251 19.25 -27.36 -23.70
N GLU A 252 18.74 -27.97 -22.62
CA GLU A 252 17.45 -28.68 -22.64
C GLU A 252 16.22 -27.78 -22.53
N ARG A 253 16.41 -26.50 -22.18
CA ARG A 253 15.31 -25.52 -22.15
C ARG A 253 14.88 -25.18 -23.57
N PRO A 254 13.59 -24.86 -23.76
CA PRO A 254 13.12 -24.52 -25.10
C PRO A 254 13.57 -23.14 -25.53
N THR A 255 13.31 -22.83 -26.79
CA THR A 255 13.50 -21.51 -27.35
C THR A 255 12.22 -20.71 -27.14
N PHE A 256 12.30 -19.41 -27.38
CA PHE A 256 11.12 -18.53 -27.32
C PHE A 256 10.11 -18.81 -28.45
N LYS A 257 10.61 -19.33 -29.57
CA LYS A 257 9.75 -19.80 -30.66
C LYS A 257 8.87 -20.97 -30.23
N ILE A 258 9.50 -21.96 -29.60
CA ILE A 258 8.80 -23.14 -29.07
C ILE A 258 7.79 -22.77 -27.99
N LEU A 259 8.18 -21.88 -27.07
CA LEU A 259 7.29 -21.41 -26.00
C LEU A 259 6.06 -20.69 -26.55
N LEU A 260 6.25 -19.90 -27.61
CA LEU A 260 5.14 -19.23 -28.28
C LEU A 260 4.16 -20.24 -28.88
N SER A 261 4.70 -21.28 -29.52
CA SER A 261 3.89 -22.38 -30.07
C SER A 261 3.10 -23.11 -28.98
N ASN A 262 3.76 -23.34 -27.84
CA ASN A 262 3.11 -23.98 -26.68
C ASN A 262 1.95 -23.15 -26.13
N ILE A 263 2.18 -21.84 -25.97
CA ILE A 263 1.14 -20.91 -25.51
C ILE A 263 -0.06 -20.85 -26.45
N LEU A 264 0.20 -20.77 -27.75
CA LEU A 264 -0.85 -20.73 -28.78
C LEU A 264 -1.68 -22.02 -28.84
N ASP A 265 -1.04 -23.16 -28.60
CA ASP A 265 -1.75 -24.44 -28.48
C ASP A 265 -2.73 -24.42 -27.31
N VAL A 266 -2.26 -23.98 -26.15
CA VAL A 266 -3.10 -23.86 -24.95
C VAL A 266 -4.25 -22.88 -25.19
N MET A 267 -3.93 -21.71 -25.76
CA MET A 267 -4.93 -20.70 -26.15
C MET A 267 -6.10 -21.26 -26.98
N ASP A 268 -5.79 -22.14 -27.93
CA ASP A 268 -6.78 -22.76 -28.80
C ASP A 268 -7.69 -23.74 -28.06
N GLU A 269 -7.09 -24.56 -27.20
CA GLU A 269 -7.81 -25.57 -26.40
C GLU A 269 -8.61 -24.92 -25.28
N GLU A 270 -8.00 -23.91 -24.65
CA GLU A 270 -8.62 -23.04 -23.63
C GLU A 270 -9.98 -22.46 -24.05
N SER A 271 -10.11 -22.10 -25.33
CA SER A 271 -11.35 -21.50 -25.86
C SER A 271 -12.53 -22.48 -25.83
N GLY B 5 -1.22 20.60 5.98
CA GLY B 5 -2.65 20.91 5.64
C GLY B 5 -2.89 21.12 4.16
N SER B 6 -2.41 20.17 3.36
CA SER B 6 -2.61 20.13 1.91
C SER B 6 -3.78 19.20 1.77
N TRP B 7 -4.37 19.10 0.58
CA TRP B 7 -5.55 18.26 0.46
C TRP B 7 -5.58 17.14 -0.55
N GLU B 8 -5.88 17.48 -1.80
CA GLU B 8 -6.16 16.44 -2.79
C GLU B 8 -4.98 15.64 -3.32
N ILE B 9 -5.21 14.33 -3.48
CA ILE B 9 -4.25 13.38 -4.01
C ILE B 9 -4.87 12.80 -5.27
N ASP B 10 -4.01 12.49 -6.24
CA ASP B 10 -4.45 11.93 -7.51
C ASP B 10 -4.91 10.50 -7.30
N PRO B 11 -6.26 10.25 -7.48
CA PRO B 11 -6.71 8.85 -7.29
C PRO B 11 -6.03 7.84 -8.22
N LYS B 12 -5.61 8.30 -9.39
CA LYS B 12 -4.80 7.50 -10.32
C LYS B 12 -3.43 7.09 -9.76
N ASP B 13 -2.91 7.88 -8.82
CA ASP B 13 -1.68 7.54 -8.07
C ASP B 13 -1.86 6.49 -6.96
N LEU B 14 -3.05 5.95 -6.74
CA LEU B 14 -3.30 4.95 -5.69
C LEU B 14 -3.56 3.57 -6.30
N THR B 15 -3.01 2.53 -5.67
N THR B 15 -3.05 2.54 -5.63
CA THR B 15 -3.26 1.14 -6.05
CA THR B 15 -3.28 1.15 -6.02
C THR B 15 -3.75 0.34 -4.84
C THR B 15 -3.77 0.35 -4.82
N PHE B 16 -4.92 -0.29 -5.00
CA PHE B 16 -5.52 -1.12 -3.95
C PHE B 16 -4.87 -2.51 -4.00
N LEU B 17 -4.38 -2.98 -2.86
CA LEU B 17 -3.69 -4.26 -2.77
C LEU B 17 -4.36 -5.32 -1.89
N LYS B 18 -5.06 -4.89 -0.83
CA LYS B 18 -5.69 -5.82 0.10
C LYS B 18 -6.85 -5.17 0.85
N GLU B 19 -7.83 -6.01 1.21
CA GLU B 19 -8.97 -5.59 2.01
C GLU B 19 -8.54 -5.57 3.47
N LEU B 20 -8.72 -4.42 4.13
CA LEU B 20 -8.47 -4.28 5.57
C LEU B 20 -9.75 -4.38 6.41
N GLY B 21 -10.90 -4.54 5.75
CA GLY B 21 -12.19 -4.63 6.43
C GLY B 21 -12.93 -3.32 6.39
N THR B 22 -14.21 -3.39 6.73
CA THR B 22 -15.07 -2.21 6.78
C THR B 22 -14.85 -1.49 8.10
N GLY B 23 -14.38 -0.26 8.04
CA GLY B 23 -14.26 0.60 9.21
C GLY B 23 -15.54 1.37 9.41
N GLN B 24 -15.54 2.29 10.38
CA GLN B 24 -16.73 3.10 10.64
C GLN B 24 -16.90 4.16 9.55
N PHE B 25 -18.10 4.17 8.96
CA PHE B 25 -18.48 5.10 7.88
C PHE B 25 -17.66 4.96 6.57
N GLY B 26 -17.09 3.78 6.35
CA GLY B 26 -16.32 3.55 5.11
C GLY B 26 -15.55 2.24 5.07
N VAL B 27 -15.52 1.62 3.89
CA VAL B 27 -14.67 0.46 3.62
C VAL B 27 -13.23 0.95 3.54
N VAL B 28 -12.31 0.14 4.08
CA VAL B 28 -10.88 0.49 4.11
C VAL B 28 -10.07 -0.49 3.27
N LYS B 29 -9.08 0.06 2.57
CA LYS B 29 -8.20 -0.69 1.69
C LYS B 29 -6.77 -0.43 2.12
N TYR B 30 -5.95 -1.48 2.13
CA TYR B 30 -4.51 -1.33 2.18
C TYR B 30 -4.06 -1.11 0.75
N GLY B 31 -3.15 -0.16 0.57
CA GLY B 31 -2.66 0.19 -0.75
C GLY B 31 -1.28 0.79 -0.76
N LYS B 32 -0.88 1.24 -1.95
CA LYS B 32 0.36 1.98 -2.15
C LYS B 32 0.09 3.25 -2.93
N TRP B 33 0.91 4.27 -2.67
CA TRP B 33 0.88 5.51 -3.42
C TRP B 33 1.99 5.49 -4.46
N ARG B 34 1.61 5.63 -5.72
CA ARG B 34 2.51 5.57 -6.88
C ARG B 34 3.27 4.24 -6.97
N GLY B 35 2.62 3.18 -6.49
CA GLY B 35 3.18 1.84 -6.52
C GLY B 35 4.32 1.57 -5.56
N GLN B 36 4.57 2.48 -4.63
CA GLN B 36 5.71 2.35 -3.72
C GLN B 36 5.47 2.54 -2.22
N TYR B 37 4.87 3.66 -1.84
CA TYR B 37 4.68 4.01 -0.42
C TYR B 37 3.38 3.49 0.19
N ASP B 38 3.51 2.77 1.30
CA ASP B 38 2.35 2.16 1.97
C ASP B 38 1.38 3.20 2.49
N VAL B 39 0.10 2.99 2.18
CA VAL B 39 -0.99 3.85 2.65
C VAL B 39 -2.22 3.01 2.97
N ALA B 40 -3.15 3.62 3.68
CA ALA B 40 -4.45 3.02 3.98
C ALA B 40 -5.50 4.02 3.52
N ILE B 41 -6.45 3.53 2.73
CA ILE B 41 -7.44 4.37 2.07
C ILE B 41 -8.81 4.03 2.62
N LYS B 42 -9.50 5.02 3.16
CA LYS B 42 -10.88 4.86 3.60
C LYS B 42 -11.81 5.48 2.58
N MET B 43 -12.68 4.66 2.01
CA MET B 43 -13.68 5.10 1.03
C MET B 43 -14.95 5.47 1.77
N ILE B 44 -15.20 6.78 1.92
CA ILE B 44 -16.40 7.27 2.60
C ILE B 44 -17.61 6.95 1.73
N LYS B 45 -18.57 6.23 2.30
CA LYS B 45 -19.79 5.80 1.60
C LYS B 45 -20.52 6.97 0.94
N GLU B 46 -20.97 6.76 -0.29
CA GLU B 46 -21.60 7.82 -1.09
C GLU B 46 -23.03 8.08 -0.61
N GLY B 47 -23.37 9.35 -0.45
CA GLY B 47 -24.66 9.76 0.10
C GLY B 47 -24.83 9.54 1.59
N SER B 48 -23.74 9.20 2.28
CA SER B 48 -23.77 8.89 3.72
C SER B 48 -23.66 10.16 4.56
N MET B 49 -23.05 11.21 4.00
CA MET B 49 -22.75 12.46 4.71
C MET B 49 -23.42 13.67 4.07
N SER B 50 -23.50 14.74 4.85
CA SER B 50 -23.83 16.07 4.32
C SER B 50 -22.61 16.53 3.51
N GLU B 51 -22.76 16.50 2.18
CA GLU B 51 -21.63 16.43 1.25
C GLU B 51 -20.61 17.56 1.37
N ASP B 52 -21.08 18.79 1.19
CA ASP B 52 -20.21 19.97 1.21
C ASP B 52 -19.65 20.25 2.61
N GLU B 53 -20.49 20.10 3.63
CA GLU B 53 -20.07 20.25 5.03
C GLU B 53 -19.00 19.22 5.42
N PHE B 54 -19.17 17.98 4.96
CA PHE B 54 -18.17 16.93 5.16
C PHE B 54 -16.83 17.26 4.49
N ILE B 55 -16.88 17.66 3.22
CA ILE B 55 -15.68 18.05 2.45
C ILE B 55 -14.93 19.16 3.18
N GLU B 56 -15.67 20.18 3.61
CA GLU B 56 -15.12 21.28 4.42
C GLU B 56 -14.43 20.75 5.68
N GLU B 57 -15.12 19.86 6.40
CA GLU B 57 -14.56 19.21 7.60
C GLU B 57 -13.31 18.38 7.28
N ALA B 58 -13.33 17.69 6.13
CA ALA B 58 -12.19 16.90 5.66
C ALA B 58 -10.93 17.72 5.42
N LYS B 59 -11.11 18.95 4.95
CA LYS B 59 -10.00 19.88 4.80
C LYS B 59 -9.48 20.33 6.18
N VAL B 60 -10.40 20.58 7.12
CA VAL B 60 -10.05 20.93 8.50
C VAL B 60 -9.30 19.78 9.20
N MET B 61 -9.76 18.55 8.98
CA MET B 61 -9.07 17.35 9.50
C MET B 61 -7.58 17.31 9.12
N MET B 62 -7.28 17.75 7.90
CA MET B 62 -5.91 17.80 7.38
C MET B 62 -5.07 18.93 7.95
N ASN B 63 -5.71 20.04 8.28
CA ASN B 63 -5.04 21.15 8.97
C ASN B 63 -4.54 20.76 10.38
N LEU B 64 -5.19 19.77 11.00
CA LEU B 64 -4.76 19.24 12.30
C LEU B 64 -3.46 18.44 12.12
N SER B 65 -2.49 18.72 12.98
CA SER B 65 -1.21 18.01 12.98
C SER B 65 -0.79 17.69 14.41
N HIS B 66 -0.71 16.40 14.72
CA HIS B 66 -0.24 15.93 16.03
C HIS B 66 0.31 14.49 15.94
N GLU B 67 1.31 14.21 16.78
CA GLU B 67 2.04 12.93 16.79
C GLU B 67 1.14 11.72 17.08
N LYS B 68 0.26 11.89 18.05
CA LYS B 68 -0.75 10.89 18.46
C LYS B 68 -2.10 10.93 17.73
N LEU B 69 -2.22 11.76 16.71
CA LEU B 69 -3.31 11.68 15.75
C LEU B 69 -2.78 10.89 14.56
N VAL B 70 -3.62 10.05 13.96
N VAL B 70 -3.63 10.06 13.96
CA VAL B 70 -3.21 9.26 12.80
CA VAL B 70 -3.25 9.26 12.80
C VAL B 70 -2.91 10.18 11.63
C VAL B 70 -2.92 10.18 11.62
N GLN B 71 -1.76 9.95 11.02
CA GLN B 71 -1.22 10.83 9.98
C GLN B 71 -2.04 10.76 8.69
N LEU B 72 -2.76 11.84 8.41
CA LEU B 72 -3.49 11.98 7.16
C LEU B 72 -2.51 12.43 6.08
N TYR B 73 -2.53 11.75 4.93
CA TYR B 73 -1.70 12.10 3.76
C TYR B 73 -2.44 12.92 2.72
N GLY B 74 -3.75 12.77 2.64
CA GLY B 74 -4.54 13.48 1.67
C GLY B 74 -5.94 12.95 1.55
N VAL B 75 -6.67 13.51 0.59
CA VAL B 75 -8.04 13.08 0.32
C VAL B 75 -8.30 13.07 -1.17
N CYS B 76 -9.45 12.56 -1.56
CA CYS B 76 -9.86 12.55 -2.95
C CYS B 76 -11.29 13.05 -3.02
N THR B 77 -11.45 14.34 -2.75
CA THR B 77 -12.75 15.01 -2.80
C THR B 77 -13.26 15.25 -4.22
N LYS B 78 -12.34 15.56 -5.15
CA LYS B 78 -12.67 15.79 -6.55
C LYS B 78 -13.52 14.67 -7.16
N GLN B 79 -13.38 13.47 -6.61
CA GLN B 79 -14.15 12.30 -7.06
C GLN B 79 -14.98 11.72 -5.91
N ARG B 80 -15.96 10.90 -6.22
CA ARG B 80 -16.80 10.28 -5.19
C ARG B 80 -17.17 8.82 -5.56
N PRO B 81 -17.30 7.92 -4.55
CA PRO B 81 -17.18 8.11 -3.10
C PRO B 81 -15.82 8.65 -2.66
N ILE B 82 -15.86 9.57 -1.70
CA ILE B 82 -14.69 10.34 -1.26
C ILE B 82 -13.68 9.41 -0.57
N PHE B 83 -12.39 9.63 -0.85
CA PHE B 83 -11.30 8.87 -0.21
C PHE B 83 -10.67 9.71 0.88
N ILE B 84 -10.21 9.03 1.93
CA ILE B 84 -9.37 9.61 2.96
C ILE B 84 -8.14 8.72 3.04
N ILE B 85 -6.98 9.30 2.75
CA ILE B 85 -5.72 8.55 2.68
C ILE B 85 -4.93 8.83 3.95
N THR B 86 -4.60 7.76 4.68
CA THR B 86 -3.80 7.85 5.91
C THR B 86 -2.61 6.91 5.84
N GLU B 87 -1.74 7.04 6.84
CA GLU B 87 -0.68 6.07 7.11
C GLU B 87 -1.29 4.71 7.46
N TYR B 88 -0.57 3.65 7.09
CA TYR B 88 -0.99 2.29 7.41
C TYR B 88 -0.50 1.93 8.82
N MET B 89 -1.44 1.59 9.70
CA MET B 89 -1.15 1.18 11.07
C MET B 89 -1.17 -0.35 11.15
N ALA B 90 0.04 -0.93 11.27
CA ALA B 90 0.24 -2.39 11.12
C ALA B 90 -0.51 -3.26 12.12
N ASN B 91 -0.63 -2.80 13.36
CA ASN B 91 -1.36 -3.53 14.42
C ASN B 91 -2.89 -3.27 14.45
N GLY B 92 -3.37 -2.40 13.57
CA GLY B 92 -4.81 -2.20 13.37
C GLY B 92 -5.52 -1.51 14.51
N CYS B 93 -6.81 -1.82 14.66
CA CYS B 93 -7.63 -1.19 15.70
C CYS B 93 -7.22 -1.65 17.10
N LEU B 94 -7.22 -0.69 18.03
CA LEU B 94 -6.76 -0.93 19.39
C LEU B 94 -7.55 -2.02 20.10
N LEU B 95 -8.87 -2.08 19.85
CA LEU B 95 -9.72 -3.09 20.49
C LEU B 95 -9.24 -4.52 20.20
N ASN B 96 -8.95 -4.79 18.93
CA ASN B 96 -8.38 -6.08 18.52
C ASN B 96 -7.01 -6.34 19.15
N TYR B 97 -6.14 -5.34 19.09
CA TYR B 97 -4.78 -5.42 19.66
C TYR B 97 -4.79 -5.80 21.14
N LEU B 98 -5.66 -5.15 21.91
CA LEU B 98 -5.88 -5.47 23.32
C LEU B 98 -6.30 -6.93 23.53
N ARG B 99 -7.23 -7.39 22.70
CA ARG B 99 -7.75 -8.77 22.78
C ARG B 99 -6.73 -9.82 22.30
N GLU B 100 -6.04 -9.51 21.21
CA GLU B 100 -5.00 -10.40 20.65
C GLU B 100 -3.83 -10.55 21.61
N MET B 101 -3.31 -9.43 22.11
CA MET B 101 -2.13 -9.41 22.99
C MET B 101 -2.47 -9.43 24.49
N ARG B 102 -3.65 -9.95 24.83
CA ARG B 102 -4.18 -9.99 26.21
C ARG B 102 -3.17 -10.44 27.26
N HIS B 103 -2.44 -11.52 26.96
CA HIS B 103 -1.46 -12.10 27.89
C HIS B 103 -0.17 -11.28 28.06
N ARG B 104 0.24 -10.57 27.00
CA ARG B 104 1.52 -9.84 26.98
C ARG B 104 1.62 -8.60 27.88
N PHE B 105 0.52 -7.87 28.02
CA PHE B 105 0.56 -6.52 28.61
C PHE B 105 0.95 -6.45 30.07
N GLN B 106 1.80 -5.47 30.38
CA GLN B 106 2.13 -5.08 31.76
C GLN B 106 1.49 -3.71 32.01
N THR B 107 1.34 -3.35 33.28
CA THR B 107 0.57 -2.16 33.68
C THR B 107 1.12 -0.83 33.13
N GLN B 108 2.44 -0.68 33.09
CA GLN B 108 3.08 0.53 32.51
C GLN B 108 2.72 0.76 31.03
N GLN B 109 2.56 -0.32 30.27
CA GLN B 109 2.15 -0.24 28.87
C GLN B 109 0.70 0.25 28.71
N LEU B 110 -0.18 -0.23 29.58
CA LEU B 110 -1.60 0.16 29.54
C LEU B 110 -1.80 1.65 29.86
N LEU B 111 -1.01 2.17 30.81
CA LEU B 111 -1.01 3.61 31.11
C LEU B 111 -0.40 4.44 29.97
N GLU B 112 0.63 3.90 29.32
CA GLU B 112 1.26 4.54 28.16
C GLU B 112 0.28 4.68 26.98
N MET B 113 -0.57 3.66 26.78
CA MET B 113 -1.68 3.74 25.82
C MET B 113 -2.65 4.88 26.16
N CYS B 114 -2.98 5.01 27.44
CA CYS B 114 -3.87 6.09 27.90
C CYS B 114 -3.26 7.48 27.70
N LYS B 115 -1.96 7.61 27.97
CA LYS B 115 -1.23 8.85 27.75
C LYS B 115 -1.21 9.27 26.28
N ASP B 116 -0.90 8.32 25.40
CA ASP B 116 -0.92 8.53 23.94
C ASP B 116 -2.22 9.18 23.49
N VAL B 117 -3.33 8.56 23.87
CA VAL B 117 -4.66 9.07 23.50
C VAL B 117 -4.95 10.41 24.14
N CYS B 118 -4.64 10.55 25.43
CA CYS B 118 -4.89 11.79 26.18
C CYS B 118 -4.15 12.99 25.60
N GLU B 119 -2.93 12.77 25.10
CA GLU B 119 -2.15 13.79 24.40
C GLU B 119 -2.85 14.27 23.13
N ALA B 120 -3.36 13.32 22.33
CA ALA B 120 -4.12 13.62 21.12
C ALA B 120 -5.41 14.38 21.40
N MET B 121 -6.11 13.95 22.45
CA MET B 121 -7.38 14.59 22.85
C MET B 121 -7.19 15.98 23.44
N GLU B 122 -6.09 16.21 24.16
CA GLU B 122 -5.70 17.56 24.61
C GLU B 122 -5.51 18.49 23.40
N TYR B 123 -4.84 18.01 22.37
CA TYR B 123 -4.64 18.77 21.13
C TYR B 123 -5.96 19.10 20.42
N LEU B 124 -6.82 18.08 20.28
CA LEU B 124 -8.16 18.27 19.70
C LEU B 124 -9.00 19.27 20.51
N GLU B 125 -8.91 19.18 21.83
CA GLU B 125 -9.59 20.11 22.75
C GLU B 125 -9.12 21.56 22.55
N SER B 126 -7.80 21.75 22.42
CA SER B 126 -7.20 23.08 22.21
C SER B 126 -7.59 23.71 20.86
N LYS B 127 -7.93 22.86 19.89
CA LYS B 127 -8.48 23.30 18.59
C LYS B 127 -10.02 23.36 18.52
N GLN B 128 -10.68 23.13 19.65
CA GLN B 128 -12.15 23.00 19.75
C GLN B 128 -12.74 22.05 18.70
N PHE B 129 -12.09 20.90 18.55
CA PHE B 129 -12.50 19.88 17.58
C PHE B 129 -12.95 18.65 18.37
N LEU B 130 -14.25 18.38 18.36
CA LEU B 130 -14.80 17.25 19.11
C LEU B 130 -14.61 15.95 18.33
N HIS B 131 -14.17 14.90 19.01
CA HIS B 131 -14.05 13.59 18.37
C HIS B 131 -15.42 13.02 18.08
N ARG B 132 -16.26 12.98 19.12
CA ARG B 132 -17.65 12.53 19.09
C ARG B 132 -17.87 11.02 19.17
N ASP B 133 -16.82 10.24 19.05
CA ASP B 133 -16.95 8.79 19.06
C ASP B 133 -15.64 8.11 19.46
N LEU B 134 -15.02 8.59 20.53
CA LEU B 134 -13.77 8.00 20.96
C LEU B 134 -14.05 6.62 21.56
N ALA B 135 -13.33 5.62 21.05
CA ALA B 135 -13.47 4.25 21.51
C ALA B 135 -12.27 3.42 21.06
N ALA B 136 -12.05 2.30 21.73
CA ALA B 136 -10.96 1.38 21.37
C ALA B 136 -11.05 0.86 19.92
N ARG B 137 -12.28 0.68 19.42
N ARG B 137 -12.28 0.70 19.42
CA ARG B 137 -12.51 0.25 18.03
CA ARG B 137 -12.52 0.23 18.05
C ARG B 137 -12.00 1.28 17.02
C ARG B 137 -12.01 1.18 16.98
N ASN B 138 -12.07 2.55 17.40
N ASN B 138 -11.98 2.48 17.25
CA ASN B 138 -11.63 3.66 16.55
CA ASN B 138 -11.43 3.42 16.26
C ASN B 138 -10.14 4.02 16.63
C ASN B 138 -10.13 4.13 16.66
N CYS B 139 -9.49 3.72 17.75
CA CYS B 139 -8.07 4.04 17.94
C CYS B 139 -7.26 3.05 17.11
N LEU B 140 -6.09 3.48 16.64
CA LEU B 140 -5.20 2.63 15.82
C LEU B 140 -3.84 2.48 16.49
N VAL B 141 -3.15 1.38 16.18
CA VAL B 141 -1.86 1.03 16.79
C VAL B 141 -0.85 0.72 15.68
N ASN B 142 0.33 1.36 15.74
CA ASN B 142 1.41 1.12 14.76
C ASN B 142 2.30 -0.06 15.16
N ASP B 143 3.26 -0.41 14.30
CA ASP B 143 4.22 -1.49 14.56
C ASP B 143 5.08 -1.33 15.83
N GLN B 144 5.27 -0.09 16.27
CA GLN B 144 5.97 0.22 17.53
C GLN B 144 5.09 0.07 18.79
N GLY B 145 3.79 -0.16 18.62
CA GLY B 145 2.84 -0.23 19.73
C GLY B 145 2.32 1.12 20.21
N VAL B 146 2.60 2.19 19.46
CA VAL B 146 2.09 3.52 19.80
C VAL B 146 0.63 3.60 19.36
N VAL B 147 -0.22 4.11 20.24
CA VAL B 147 -1.66 4.26 19.97
C VAL B 147 -1.92 5.66 19.42
N LYS B 148 -2.74 5.73 18.37
CA LYS B 148 -3.15 7.00 17.78
C LYS B 148 -4.67 7.08 17.67
N VAL B 149 -5.19 8.29 17.86
CA VAL B 149 -6.62 8.57 17.74
C VAL B 149 -6.97 8.71 16.27
N SER B 150 -8.07 8.08 15.85
CA SER B 150 -8.53 8.08 14.45
C SER B 150 -10.04 8.29 14.38
N ASP B 151 -10.54 8.47 13.16
CA ASP B 151 -11.96 8.78 12.87
C ASP B 151 -12.52 9.99 13.65
N PHE B 152 -11.65 10.94 13.96
CA PHE B 152 -12.01 12.09 14.80
C PHE B 152 -12.95 13.02 14.03
N GLY B 153 -14.13 13.27 14.61
CA GLY B 153 -15.15 14.12 14.01
C GLY B 153 -15.92 13.49 12.86
N LEU B 154 -15.64 12.22 12.56
CA LEU B 154 -16.17 11.57 11.36
C LEU B 154 -17.69 11.40 11.39
N SER B 155 -18.27 11.29 12.59
CA SER B 155 -19.72 11.19 12.75
C SER B 155 -20.51 12.50 12.67
N ARG B 156 -19.82 13.64 12.64
CA ARG B 156 -20.47 14.97 12.71
C ARG B 156 -21.61 15.18 11.70
N TYR B 157 -21.34 14.87 10.43
CA TYR B 157 -22.30 15.13 9.34
C TYR B 157 -22.96 13.89 8.73
N VAL B 158 -23.11 12.83 9.52
N VAL B 158 -23.10 12.82 9.52
CA VAL B 158 -23.75 11.59 9.09
CA VAL B 158 -23.73 11.60 9.06
C VAL B 158 -25.26 11.78 9.00
C VAL B 158 -25.25 11.80 8.98
N LEU B 159 -25.83 11.32 7.88
CA LEU B 159 -27.27 11.52 7.59
C LEU B 159 -28.16 10.40 8.10
N ASP B 160 -27.65 9.17 8.14
CA ASP B 160 -28.38 8.02 8.66
C ASP B 160 -28.69 8.19 10.16
N ASP B 161 -29.97 8.07 10.49
CA ASP B 161 -30.46 8.30 11.86
C ASP B 161 -30.15 7.17 12.87
N GLU B 162 -29.72 6.01 12.35
CA GLU B 162 -29.25 4.91 13.20
C GLU B 162 -27.93 5.24 13.93
N TYR B 163 -27.14 6.15 13.36
CA TYR B 163 -25.87 6.60 13.93
C TYR B 163 -25.93 7.92 14.74
N THR B 164 -27.01 8.70 14.58
CA THR B 164 -27.10 10.07 15.16
C THR B 164 -27.83 10.18 16.50
N SER B 165 -28.92 9.42 16.67
CA SER B 165 -29.74 9.49 17.90
C SER B 165 -29.45 8.32 18.85
N SER B 166 -29.74 8.52 20.13
CA SER B 166 -29.50 7.53 21.19
C SER B 166 -30.19 6.19 20.96
N VAL B 167 -31.46 6.23 20.56
CA VAL B 167 -32.23 5.02 20.21
C VAL B 167 -31.90 4.41 18.83
N GLY B 168 -30.97 5.03 18.10
CA GLY B 168 -30.38 4.43 16.91
C GLY B 168 -29.60 3.17 17.25
N SER B 169 -29.76 2.15 16.41
CA SER B 169 -29.13 0.84 16.62
C SER B 169 -27.61 0.83 16.53
N LYS B 170 -27.03 1.83 15.85
CA LYS B 170 -25.58 1.96 15.67
C LYS B 170 -24.93 3.12 16.47
N PHE B 171 -25.68 3.71 17.39
CA PHE B 171 -25.19 4.82 18.22
C PHE B 171 -24.25 4.29 19.32
N PRO B 172 -23.15 5.02 19.63
CA PRO B 172 -22.26 4.51 20.68
C PRO B 172 -22.80 4.81 22.08
N VAL B 173 -23.86 4.10 22.46
CA VAL B 173 -24.55 4.31 23.72
C VAL B 173 -23.59 4.07 24.90
N ARG B 174 -22.85 2.96 24.83
CA ARG B 174 -21.92 2.55 25.90
C ARG B 174 -20.74 3.50 26.17
N TRP B 175 -20.48 4.44 25.25
CA TRP B 175 -19.41 5.44 25.42
C TRP B 175 -19.94 6.87 25.67
N SER B 176 -21.25 7.01 25.91
CA SER B 176 -21.91 8.33 25.98
C SER B 176 -22.36 8.72 27.40
N PRO B 177 -22.24 10.01 27.76
CA PRO B 177 -22.79 10.49 29.03
C PRO B 177 -24.30 10.69 28.95
N PRO B 178 -24.97 10.92 30.10
CA PRO B 178 -26.43 11.12 30.13
C PRO B 178 -26.98 12.26 29.25
N GLU B 179 -26.31 13.41 29.27
CA GLU B 179 -26.73 14.58 28.48
C GLU B 179 -26.71 14.36 26.96
N VAL B 180 -25.84 13.47 26.48
CA VAL B 180 -25.82 13.04 25.08
C VAL B 180 -26.97 12.07 24.80
N LEU B 181 -27.15 11.09 25.68
CA LEU B 181 -28.19 10.07 25.54
C LEU B 181 -29.62 10.65 25.56
N MET B 182 -29.85 11.61 26.43
CA MET B 182 -31.16 12.24 26.60
C MET B 182 -31.39 13.44 25.68
N TYR B 183 -30.39 14.30 25.56
CA TYR B 183 -30.55 15.61 24.90
C TYR B 183 -29.59 15.89 23.72
N SER B 184 -28.80 14.89 23.30
CA SER B 184 -27.78 15.05 22.24
C SER B 184 -26.81 16.24 22.48
N LYS B 185 -26.48 16.48 23.74
CA LYS B 185 -25.60 17.59 24.13
C LYS B 185 -24.13 17.18 23.98
N PHE B 186 -23.62 17.26 22.76
CA PHE B 186 -22.20 16.98 22.49
C PHE B 186 -21.34 18.17 22.89
N SER B 187 -20.25 17.88 23.62
CA SER B 187 -19.27 18.90 23.98
C SER B 187 -17.91 18.25 24.25
N SER B 188 -16.94 19.05 24.67
CA SER B 188 -15.65 18.55 25.16
C SER B 188 -15.82 17.55 26.32
N LYS B 189 -16.81 17.81 27.17
CA LYS B 189 -17.11 16.95 28.32
C LYS B 189 -17.71 15.58 27.97
N SER B 190 -18.37 15.47 26.81
CA SER B 190 -18.83 14.15 26.32
C SER B 190 -17.66 13.33 25.77
N ASP B 191 -16.70 14.00 25.13
CA ASP B 191 -15.41 13.37 24.78
C ASP B 191 -14.66 12.88 26.03
N ILE B 192 -14.69 13.68 27.10
CA ILE B 192 -14.08 13.29 28.38
C ILE B 192 -14.70 12.00 28.93
N TRP B 193 -16.04 11.91 28.96
CA TRP B 193 -16.75 10.70 29.39
C TRP B 193 -16.29 9.49 28.58
N ALA B 194 -16.31 9.64 27.26
CA ALA B 194 -15.88 8.59 26.34
C ALA B 194 -14.43 8.12 26.60
N PHE B 195 -13.54 9.06 26.87
CA PHE B 195 -12.14 8.75 27.19
C PHE B 195 -12.02 7.89 28.46
N GLY B 196 -12.82 8.21 29.47
CA GLY B 196 -12.95 7.38 30.67
C GLY B 196 -13.29 5.94 30.36
N VAL B 197 -14.28 5.75 29.47
CA VAL B 197 -14.70 4.41 29.05
C VAL B 197 -13.58 3.72 28.23
N LEU B 198 -12.86 4.49 27.41
CA LEU B 198 -11.70 3.97 26.70
C LEU B 198 -10.60 3.45 27.65
N MET B 199 -10.34 4.19 28.73
CA MET B 199 -9.40 3.74 29.75
C MET B 199 -9.83 2.40 30.35
N TRP B 200 -11.14 2.27 30.62
CA TRP B 200 -11.71 1.01 31.09
C TRP B 200 -11.51 -0.12 30.09
N GLU B 201 -11.75 0.16 28.82
CA GLU B 201 -11.51 -0.80 27.73
C GLU B 201 -10.06 -1.29 27.71
N ILE B 202 -9.13 -0.35 27.82
CA ILE B 202 -7.69 -0.65 27.86
C ILE B 202 -7.35 -1.53 29.06
N TYR B 203 -7.71 -1.06 30.25
CA TYR B 203 -7.39 -1.78 31.50
C TYR B 203 -8.16 -3.10 31.71
N SER B 204 -9.29 -3.26 31.01
CA SER B 204 -10.03 -4.54 30.99
C SER B 204 -9.57 -5.48 29.85
N LEU B 205 -8.56 -5.07 29.11
CA LEU B 205 -8.04 -5.79 27.94
C LEU B 205 -9.11 -6.04 26.87
N GLY B 206 -9.90 -5.00 26.59
CA GLY B 206 -10.86 -5.02 25.47
C GLY B 206 -12.19 -5.70 25.71
N LYS B 207 -12.67 -5.69 26.96
CA LYS B 207 -14.03 -6.10 27.27
C LYS B 207 -15.03 -5.07 26.73
N MET B 208 -16.20 -5.52 26.29
CA MET B 208 -17.30 -4.62 25.93
C MET B 208 -17.83 -3.99 27.21
N PRO B 209 -17.98 -2.64 27.24
CA PRO B 209 -18.57 -2.07 28.45
C PRO B 209 -20.02 -2.50 28.66
N TYR B 210 -20.39 -2.77 29.90
CA TYR B 210 -21.78 -3.14 30.26
C TYR B 210 -22.29 -4.38 29.51
N GLU B 211 -21.42 -5.39 29.37
CA GLU B 211 -21.68 -6.58 28.54
C GLU B 211 -22.99 -7.29 28.86
N ARG B 212 -23.35 -7.33 30.14
CA ARG B 212 -24.61 -7.92 30.61
C ARG B 212 -25.86 -7.29 29.99
N PHE B 213 -25.79 -5.99 29.66
CA PHE B 213 -26.96 -5.22 29.23
C PHE B 213 -26.95 -4.82 27.76
N THR B 214 -28.15 -4.66 27.21
CA THR B 214 -28.35 -4.08 25.89
C THR B 214 -28.13 -2.56 25.93
N ASN B 215 -28.12 -1.93 24.75
CA ASN B 215 -28.02 -0.47 24.63
C ASN B 215 -29.12 0.27 25.40
N SER B 216 -30.36 -0.16 25.21
CA SER B 216 -31.53 0.42 25.89
C SER B 216 -31.43 0.28 27.41
N GLU B 217 -31.10 -0.93 27.85
CA GLU B 217 -30.88 -1.22 29.27
C GLU B 217 -29.70 -0.43 29.86
N THR B 218 -28.61 -0.36 29.11
CA THR B 218 -27.43 0.43 29.51
C THR B 218 -27.78 1.92 29.67
N ALA B 219 -28.52 2.46 28.71
CA ALA B 219 -28.94 3.88 28.73
C ALA B 219 -29.71 4.24 30.01
N GLU B 220 -30.68 3.38 30.35
CA GLU B 220 -31.44 3.49 31.58
C GLU B 220 -30.55 3.41 32.83
N HIS B 221 -29.73 2.36 32.92
CA HIS B 221 -28.91 2.11 34.11
C HIS B 221 -27.83 3.18 34.34
N ILE B 222 -27.23 3.65 33.24
CA ILE B 222 -26.28 4.76 33.26
C ILE B 222 -26.88 6.04 33.82
N ALA B 223 -28.08 6.38 33.36
CA ALA B 223 -28.81 7.54 33.88
C ALA B 223 -29.07 7.44 35.39
N GLN B 224 -29.34 6.23 35.88
CA GLN B 224 -29.59 5.97 37.30
C GLN B 224 -28.34 5.71 38.17
N GLY B 225 -27.14 5.78 37.59
CA GLY B 225 -25.88 5.76 38.35
C GLY B 225 -24.94 4.58 38.17
N LEU B 226 -25.29 3.62 37.32
CA LEU B 226 -24.42 2.48 37.02
C LEU B 226 -23.11 3.00 36.44
N ARG B 227 -21.99 2.52 36.96
CA ARG B 227 -20.67 2.87 36.46
C ARG B 227 -19.83 1.61 36.28
N LEU B 228 -18.84 1.71 35.40
CA LEU B 228 -17.94 0.60 35.10
C LEU B 228 -17.02 0.33 36.28
N TYR B 229 -17.02 -0.92 36.75
CA TYR B 229 -16.21 -1.36 37.89
C TYR B 229 -14.71 -1.25 37.61
N ARG B 230 -13.92 -1.17 38.67
CA ARG B 230 -12.46 -1.08 38.58
C ARG B 230 -11.86 -2.38 38.04
N PRO B 231 -11.18 -2.32 36.87
CA PRO B 231 -10.50 -3.55 36.40
C PRO B 231 -9.32 -3.94 37.29
N HIS B 232 -9.05 -5.25 37.37
CA HIS B 232 -7.94 -5.80 38.16
C HIS B 232 -6.60 -5.10 37.92
N LEU B 233 -6.29 -4.87 36.64
CA LEU B 233 -5.01 -4.27 36.25
C LEU B 233 -4.90 -2.78 36.55
N ALA B 234 -6.03 -2.12 36.79
CA ALA B 234 -6.06 -0.71 37.20
C ALA B 234 -5.89 -0.58 38.71
N SER B 235 -4.88 0.19 39.13
CA SER B 235 -4.71 0.56 40.53
C SER B 235 -5.77 1.58 40.95
N GLU B 236 -5.84 1.83 42.26
CA GLU B 236 -6.78 2.80 42.84
C GLU B 236 -6.66 4.20 42.23
N LYS B 237 -5.42 4.65 42.03
CA LYS B 237 -5.12 5.94 41.40
C LYS B 237 -5.57 6.01 39.94
N VAL B 238 -5.25 4.97 39.18
CA VAL B 238 -5.69 4.85 37.78
C VAL B 238 -7.21 4.85 37.66
N TYR B 239 -7.87 4.10 38.55
CA TYR B 239 -9.33 4.04 38.56
C TYR B 239 -9.96 5.40 38.89
N THR B 240 -9.36 6.13 39.83
CA THR B 240 -9.78 7.50 40.15
C THR B 240 -9.77 8.41 38.92
N ILE B 241 -8.75 8.28 38.08
CA ILE B 241 -8.63 9.08 36.84
C ILE B 241 -9.79 8.78 35.88
N MET B 242 -10.00 7.50 35.58
CA MET B 242 -11.09 7.10 34.67
C MET B 242 -12.47 7.41 35.28
N TYR B 243 -12.59 7.31 36.61
CA TYR B 243 -13.85 7.60 37.31
C TYR B 243 -14.22 9.10 37.29
N SER B 244 -13.21 9.97 37.34
CA SER B 244 -13.43 11.43 37.25
C SER B 244 -14.08 11.87 35.93
N CYS B 245 -13.90 11.07 34.89
CA CYS B 245 -14.59 11.28 33.61
C CYS B 245 -16.10 11.05 33.63
N TRP B 246 -16.62 10.35 34.66
CA TRP B 246 -18.02 9.89 34.66
C TRP B 246 -18.96 10.64 35.61
N HIS B 247 -18.60 11.86 36.01
CA HIS B 247 -19.52 12.72 36.78
C HIS B 247 -20.81 12.93 35.97
N GLU B 248 -21.95 12.79 36.65
CA GLU B 248 -23.26 13.01 36.01
C GLU B 248 -23.36 14.41 35.43
N LYS B 249 -22.95 15.41 36.20
CA LYS B 249 -22.89 16.80 35.76
C LYS B 249 -21.61 17.05 34.95
N ALA B 250 -21.78 17.55 33.73
CA ALA B 250 -20.69 17.72 32.76
C ALA B 250 -19.59 18.68 33.19
N ASP B 251 -19.98 19.82 33.77
CA ASP B 251 -19.01 20.85 34.20
C ASP B 251 -18.06 20.39 35.34
N GLU B 252 -18.49 19.40 36.12
CA GLU B 252 -17.64 18.80 37.16
C GLU B 252 -16.59 17.78 36.64
N ARG B 253 -16.69 17.39 35.37
CA ARG B 253 -15.67 16.53 34.75
C ARG B 253 -14.42 17.36 34.41
N PRO B 254 -13.23 16.71 34.43
CA PRO B 254 -12.01 17.44 34.12
C PRO B 254 -11.82 17.70 32.63
N THR B 255 -10.74 18.40 32.32
CA THR B 255 -10.30 18.63 30.95
C THR B 255 -9.24 17.61 30.60
N PHE B 256 -8.97 17.46 29.30
CA PHE B 256 -7.89 16.58 28.84
C PHE B 256 -6.50 17.03 29.27
N LYS B 257 -6.33 18.34 29.51
CA LYS B 257 -5.10 18.87 30.07
C LYS B 257 -4.90 18.39 31.52
N ILE B 258 -5.96 18.48 32.33
CA ILE B 258 -5.97 17.97 33.71
C ILE B 258 -5.79 16.44 33.75
N LEU B 259 -6.46 15.72 32.84
CA LEU B 259 -6.30 14.26 32.76
C LEU B 259 -4.88 13.85 32.42
N LEU B 260 -4.25 14.55 31.48
CA LEU B 260 -2.85 14.28 31.10
C LEU B 260 -1.90 14.49 32.28
N SER B 261 -2.10 15.59 33.01
CA SER B 261 -1.35 15.88 34.23
C SER B 261 -1.48 14.77 35.27
N ASN B 262 -2.71 14.27 35.45
CA ASN B 262 -2.96 13.16 36.38
C ASN B 262 -2.30 11.86 35.94
N ILE B 263 -2.34 11.56 34.65
CA ILE B 263 -1.66 10.38 34.08
C ILE B 263 -0.14 10.45 34.29
N LEU B 264 0.44 11.63 34.06
CA LEU B 264 1.89 11.83 34.21
C LEU B 264 2.33 11.76 35.67
N ASP B 265 1.51 12.32 36.57
CA ASP B 265 1.70 12.16 38.02
C ASP B 265 1.76 10.69 38.42
N VAL B 266 0.77 9.92 37.97
CA VAL B 266 0.71 8.47 38.24
C VAL B 266 1.90 7.73 37.62
N MET B 267 2.31 8.16 36.42
CA MET B 267 3.48 7.57 35.73
C MET B 267 4.78 7.75 36.52
N ASP B 268 5.11 9.00 36.81
CA ASP B 268 6.38 9.34 37.49
C ASP B 268 6.44 8.88 38.95
N GLU B 269 5.28 8.68 39.57
CA GLU B 269 5.19 8.00 40.88
C GLU B 269 5.66 6.53 40.85
N GLU B 270 5.53 5.88 39.69
CA GLU B 270 5.83 4.46 39.52
C GLU B 270 6.80 4.26 38.36
C2 R1L C . 10.59 4.77 -19.63
C3 R1L C . 11.77 4.60 -20.34
C4 R1L C . 12.44 3.38 -20.32
C6 R1L C . 13.96 2.15 -21.76
C7 R1L C . 13.04 1.43 -22.53
C8 R1L C . 13.45 0.31 -23.26
C11 R1L C . 15.31 1.75 -21.75
C12 R1L C . 11.90 2.33 -19.57
C15 R1L C . 8.92 3.87 -18.08
C18 R1L C . 6.84 4.22 -17.25
C24 R1L C . 7.59 4.16 -18.43
C27 R1L C . 8.52 4.54 -13.95
C31 R1L C . 7.41 2.37 -14.48
C32 R1L C . 5.90 1.73 -12.65
C34 R1L C . 5.82 1.11 -11.27
C35 R1L C . 4.48 1.33 -10.71
C37 R1L C . 6.21 -0.36 -11.24
C38 R1L C . 6.76 -0.89 -9.90
C39 R1L C . 7.21 -2.35 -10.08
C40 R1L C . 5.65 -0.94 -8.84
F1 R1L C . 9.97 5.97 -19.69
O5 R1L C . 13.62 3.26 -21.02
C9 R1L C . 14.78 -0.10 -23.23
C10 R1L C . 15.70 0.62 -22.48
C13 R1L C . 10.71 2.50 -18.86
C14 R1L C . 10.04 3.72 -18.88
N16 R1L C . 8.97 3.74 -16.73
N17 R1L C . 7.68 3.98 -16.25
N19 R1L C . 5.51 4.49 -17.25
C20 R1L C . 4.90 4.72 -18.42
N21 R1L C . 5.56 4.68 -19.59
C22 R1L C . 6.89 4.40 -19.63
N23 R1L C . 7.48 4.40 -20.85
C25 R1L C . 7.45 3.87 -14.79
C28 R1L C . 8.23 4.28 -12.47
C29 R1L C . 8.12 2.79 -12.18
N30 R1L C . 7.07 2.25 -13.06
O33 R1L C . 4.89 1.86 -13.32
N36 R1L C . 3.42 1.51 -10.27
N41 R1L C . 7.96 -0.14 -9.43
C42 R1L C . 9.22 -0.25 -10.22
C43 R1L C . 10.09 0.95 -9.94
N44 R1L C . 10.39 0.87 -8.52
C45 R1L C . 9.23 1.18 -7.68
C46 R1L C . 8.16 0.12 -7.98
C47 R1L C . 11.57 1.66 -8.19
C48 R1L C . 12.83 1.02 -8.75
O49 R1L C . 13.33 0.82 -7.43
C50 R1L C . 12.16 1.40 -6.82
S SO4 D . 6.11 -18.67 -0.65
O1 SO4 D . 5.43 -17.54 0.03
O2 SO4 D . 5.70 -19.94 -0.02
O3 SO4 D . 5.71 -18.68 -2.07
O4 SO4 D . 7.57 -18.50 -0.54
S SO4 E . 8.21 -26.57 -2.62
O1 SO4 E . 7.10 -26.54 -3.58
O2 SO4 E . 7.79 -27.20 -1.35
O3 SO4 E . 9.33 -27.36 -3.18
O4 SO4 E . 8.64 -25.19 -2.33
C2 R1L F . -8.03 4.37 7.60
C3 R1L F . -8.42 5.67 7.32
C4 R1L F . -9.15 6.39 8.25
C6 R1L F . -9.61 8.67 8.86
C7 R1L F . -10.72 9.52 8.83
C8 R1L F . -10.83 10.55 9.75
C11 R1L F . -8.61 8.87 9.81
C12 R1L F . -9.46 5.80 9.48
C15 R1L F . -8.00 2.45 9.08
C18 R1L F . -6.93 0.50 9.39
C24 R1L F . -6.74 1.85 9.12
C27 R1L F . -10.35 -0.96 9.04
C31 R1L F . -9.30 -0.83 11.33
C32 R1L F . -9.59 -2.99 12.44
C34 R1L F . -10.51 -3.92 13.13
C35 R1L F . -9.88 -5.20 13.40
C37 R1L F . -11.02 -3.32 14.44
C38 R1L F . -12.32 -3.88 15.02
C39 R1L F . -12.71 -3.07 16.26
C40 R1L F . -12.05 -5.31 15.49
F1 R1L F . -7.34 3.70 6.67
O5 R1L F . -9.53 7.66 7.94
C9 R1L F . -9.83 10.75 10.70
C10 R1L F . -8.72 9.90 10.73
C13 R1L F . -9.05 4.50 9.75
C14 R1L F . -8.33 3.78 8.81
N16 R1L F . -8.91 1.49 9.33
N17 R1L F . -8.23 0.30 9.50
N19 R1L F . -5.88 -0.35 9.48
C20 R1L F . -4.64 0.10 9.31
N21 R1L F . -4.41 1.40 9.05
C22 R1L F . -5.41 2.29 8.95
N23 R1L F . -5.09 3.56 8.68
C25 R1L F . -9.03 -0.90 9.83
C28 R1L F . -11.27 -2.04 9.58
C29 R1L F . -11.42 -1.99 11.10
N30 R1L F . -10.08 -2.01 11.68
O33 R1L F . -8.38 -3.12 12.58
N36 R1L F . -9.39 -6.21 13.64
N41 R1L F . -13.43 -3.76 14.05
C42 R1L F . -13.79 -2.40 13.67
C43 R1L F . -14.37 -2.48 12.28
N44 R1L F . -15.57 -3.24 12.52
C45 R1L F . -15.32 -4.66 12.73
C46 R1L F . -14.50 -4.77 14.02
C47 R1L F . -16.62 -2.97 11.56
C48 R1L F . -17.98 -3.20 12.21
O49 R1L F . -18.25 -1.80 12.14
C50 R1L F . -17.00 -1.48 11.55
C1 EDO G . -15.87 19.45 14.90
O1 EDO G . -16.16 19.69 16.29
C2 EDO G . -15.49 17.98 14.72
O2 EDO G . -16.54 17.12 15.15
C1 EDO H . -22.23 -4.94 33.87
O1 EDO H . -22.26 -5.57 32.57
C2 EDO H . -21.46 -3.64 33.80
O2 EDO H . -20.61 -3.38 34.93
S SO4 I . -15.92 -6.54 7.01
O1 SO4 I . -17.23 -5.87 7.22
O2 SO4 I . -16.11 -7.99 7.17
O3 SO4 I . -15.42 -6.24 5.65
O4 SO4 I . -14.95 -6.04 8.01
#